data_6PC9
#
_entry.id   6PC9
#
_cell.length_a   60.534
_cell.length_b   76.711
_cell.length_c   86.205
_cell.angle_alpha   90.000
_cell.angle_beta   90.000
_cell.angle_gamma   90.000
#
_symmetry.space_group_name_H-M   'P 21 21 21'
#
loop_
_entity.id
_entity.type
_entity.pdbx_description
1 polymer 'Thiol:disulfide interchange protein DsbA'
2 non-polymer 2-methyl-4-{4-[2-(4-methyl-3-oxopiperazin-1-yl)-2-oxoethyl]phenoxy}benzonitrile
3 non-polymer 'TRIETHYLENE GLYCOL'
4 water water
#
_entity_poly.entity_id   1
_entity_poly.type   'polypeptide(L)'
_entity_poly.pdbx_seq_one_letter_code
;AQYEDGKQYTTLEKPVAGAPQVLEFFSFFCPHCYQFEEVLHISDNVKKKLPEGVKMTKYHVNFMGGDLGKDLTQAWAVAM
ALGVEDKVTVPLFEGVQKTQTIRSASDIRDVFINAGIKGEEYDAAWNSFVVKSLVAQQEKAAADVQLRGVPAMFVNGKYQ
LNPQGMDTSNMDVFVQQYADTVKYLSEKK
;
_entity_poly.pdbx_strand_id   A,B
#
loop_
_chem_comp.id
_chem_comp.type
_chem_comp.name
_chem_comp.formula
O7P non-polymer 2-methyl-4-{4-[2-(4-methyl-3-oxopiperazin-1-yl)-2-oxoethyl]phenoxy}benzonitrile 'C21 H21 N3 O3'
PGE non-polymer 'TRIETHYLENE GLYCOL' 'C6 H14 O4'
#
# COMPACT_ATOMS: atom_id res chain seq x y z
N GLN A 2 -9.80 29.58 -7.33
CA GLN A 2 -9.39 28.59 -6.34
C GLN A 2 -9.35 27.17 -6.92
N TYR A 3 -10.39 26.79 -7.68
CA TYR A 3 -10.48 25.47 -8.29
C TYR A 3 -10.30 25.61 -9.81
N GLU A 4 -9.11 25.27 -10.28
CA GLU A 4 -8.76 25.36 -11.69
C GLU A 4 -8.58 23.97 -12.29
N ASP A 5 -9.06 23.80 -13.51
CA ASP A 5 -8.82 22.57 -14.26
C ASP A 5 -7.33 22.36 -14.45
N GLY A 6 -6.85 21.18 -14.06
CA GLY A 6 -5.45 20.87 -14.12
C GLY A 6 -4.75 20.93 -12.77
N LYS A 7 -5.42 21.45 -11.74
CA LYS A 7 -4.82 21.51 -10.42
C LYS A 7 -5.44 20.44 -9.52
N GLN A 8 -6.63 20.71 -9.00
CA GLN A 8 -7.32 19.77 -8.14
C GLN A 8 -8.06 18.69 -8.94
N TYR A 9 -8.29 18.91 -10.23
CA TYR A 9 -9.04 17.97 -11.05
C TYR A 9 -8.64 18.12 -12.51
N THR A 10 -9.01 17.12 -13.30
CA THR A 10 -8.93 17.21 -14.76
C THR A 10 -10.32 16.93 -15.33
N THR A 11 -10.49 17.26 -16.61
CA THR A 11 -11.76 17.10 -17.30
C THR A 11 -11.61 16.10 -18.43
N LEU A 12 -12.50 15.11 -18.49
CA LEU A 12 -12.46 14.15 -19.57
C LEU A 12 -12.87 14.83 -20.88
N GLU A 13 -12.18 14.48 -21.96
CA GLU A 13 -12.52 15.07 -23.26
C GLU A 13 -13.88 14.57 -23.73
N LYS A 14 -14.19 13.30 -23.50
CA LYS A 14 -15.50 12.76 -23.81
C LYS A 14 -16.19 12.32 -22.52
N PRO A 15 -17.09 13.14 -21.98
CA PRO A 15 -17.79 12.76 -20.74
C PRO A 15 -18.59 11.47 -20.89
N VAL A 16 -18.72 10.76 -19.78
CA VAL A 16 -19.38 9.46 -19.75
C VAL A 16 -20.86 9.70 -19.49
N ALA A 17 -21.69 9.37 -20.49
CA ALA A 17 -23.13 9.46 -20.35
C ALA A 17 -23.64 8.50 -19.28
N GLY A 18 -24.49 9.00 -18.39
CA GLY A 18 -25.15 8.15 -17.41
C GLY A 18 -24.27 7.63 -16.30
N ALA A 19 -23.12 8.24 -16.08
CA ALA A 19 -22.22 7.76 -15.04
C ALA A 19 -22.79 8.06 -13.66
N PRO A 20 -22.39 7.29 -12.65
CA PRO A 20 -22.75 7.64 -11.27
C PRO A 20 -22.17 8.99 -10.90
N GLN A 21 -22.90 9.72 -10.06
CA GLN A 21 -22.51 11.09 -9.74
C GLN A 21 -21.12 11.13 -9.11
N VAL A 22 -20.84 10.21 -8.20
CA VAL A 22 -19.57 10.14 -7.50
C VAL A 22 -19.12 8.68 -7.55
N LEU A 23 -18.08 8.41 -8.32
CA LEU A 23 -17.68 7.05 -8.65
C LEU A 23 -16.23 6.85 -8.24
N GLU A 24 -15.98 5.88 -7.36
CA GLU A 24 -14.63 5.55 -6.91
C GLU A 24 -14.20 4.23 -7.52
N PHE A 25 -12.95 4.16 -7.96
CA PHE A 25 -12.36 2.93 -8.44
C PHE A 25 -11.25 2.51 -7.48
N PHE A 26 -11.19 1.22 -7.15
CA PHE A 26 -10.20 0.76 -6.20
C PHE A 26 -9.79 -0.67 -6.54
N SER A 27 -8.72 -1.12 -5.89
CA SER A 27 -8.29 -2.52 -5.98
C SER A 27 -7.85 -2.95 -4.59
N PHE A 28 -8.17 -4.19 -4.22
CA PHE A 28 -7.68 -4.68 -2.94
C PHE A 28 -6.16 -4.89 -2.95
N PHE A 29 -5.51 -4.86 -4.11
CA PHE A 29 -4.05 -4.92 -4.23
C PHE A 29 -3.38 -3.56 -4.09
N CYS A 30 -4.13 -2.49 -4.27
CA CYS A 30 -3.63 -1.12 -4.32
C CYS A 30 -3.22 -0.60 -2.95
N PRO A 31 -1.96 -0.22 -2.74
CA PRO A 31 -1.59 0.26 -1.39
C PRO A 31 -2.23 1.58 -1.02
N HIS A 32 -2.34 2.53 -1.97
CA HIS A 32 -3.02 3.78 -1.66
C HIS A 32 -4.50 3.55 -1.36
N CYS A 33 -5.13 2.58 -2.04
CA CYS A 33 -6.52 2.26 -1.70
C CYS A 33 -6.64 1.70 -0.28
N TYR A 34 -5.64 0.95 0.18
CA TYR A 34 -5.64 0.50 1.57
C TYR A 34 -5.65 1.67 2.53
N GLN A 35 -4.82 2.69 2.28
CA GLN A 35 -4.82 3.82 3.19
C GLN A 35 -6.09 4.66 3.06
N PHE A 36 -6.65 4.79 1.85
CA PHE A 36 -7.93 5.49 1.72
C PHE A 36 -9.00 4.86 2.58
N GLU A 37 -8.94 3.54 2.78
CA GLU A 37 -9.96 2.84 3.55
C GLU A 37 -9.68 2.89 5.04
N GLU A 38 -8.46 2.51 5.45
CA GLU A 38 -8.16 2.24 6.85
C GLU A 38 -7.61 3.44 7.61
N VAL A 39 -6.96 4.38 6.93
CA VAL A 39 -6.30 5.50 7.59
C VAL A 39 -6.99 6.82 7.25
N LEU A 40 -7.12 7.14 5.97
CA LEU A 40 -7.69 8.44 5.59
C LEU A 40 -9.22 8.46 5.60
N HIS A 41 -9.87 7.31 5.44
CA HIS A 41 -11.33 7.22 5.33
C HIS A 41 -11.86 8.24 4.31
N ILE A 42 -11.26 8.22 3.12
CA ILE A 42 -11.59 9.20 2.09
C ILE A 42 -13.08 9.14 1.77
N SER A 43 -13.62 7.93 1.68
CA SER A 43 -15.01 7.75 1.26
C SER A 43 -15.97 8.41 2.25
N ASP A 44 -15.77 8.18 3.54
CA ASP A 44 -16.68 8.74 4.53
C ASP A 44 -16.49 10.23 4.70
N ASN A 45 -15.30 10.75 4.40
CA ASN A 45 -15.07 12.19 4.45
C ASN A 45 -15.70 12.90 3.27
N VAL A 46 -15.60 12.30 2.09
CA VAL A 46 -16.29 12.85 0.92
C VAL A 46 -17.81 12.83 1.16
N LYS A 47 -18.31 11.74 1.73
CA LYS A 47 -19.75 11.61 1.96
C LYS A 47 -20.26 12.68 2.90
N LYS A 48 -19.45 13.08 3.89
CA LYS A 48 -19.91 14.06 4.86
C LYS A 48 -20.20 15.40 4.21
N LYS A 49 -19.49 15.71 3.13
CA LYS A 49 -19.58 16.99 2.44
C LYS A 49 -20.44 16.93 1.17
N LEU A 50 -21.09 15.76 0.87
CA LEU A 50 -21.82 15.89 -0.39
C LEU A 50 -23.23 16.41 -0.17
N PRO A 51 -23.75 17.09 -1.20
CA PRO A 51 -25.12 17.62 -1.14
C PRO A 51 -26.14 16.51 -0.95
N GLU A 52 -27.35 16.94 -0.61
CA GLU A 52 -28.42 16.00 -0.28
C GLU A 52 -28.75 15.09 -1.45
N GLY A 53 -28.81 13.79 -1.17
CA GLY A 53 -29.21 12.81 -2.16
C GLY A 53 -28.18 12.43 -3.21
N VAL A 54 -26.93 12.89 -3.12
CA VAL A 54 -25.93 12.45 -4.08
C VAL A 54 -25.44 11.07 -3.66
N LYS A 55 -25.49 10.13 -4.59
CA LYS A 55 -25.09 8.74 -4.33
C LYS A 55 -23.63 8.51 -4.65
N MET A 56 -22.95 7.76 -3.78
CA MET A 56 -21.57 7.36 -4.01
C MET A 56 -21.50 5.90 -4.44
N THR A 57 -20.71 5.62 -5.49
CA THR A 57 -20.50 4.28 -6.04
C THR A 57 -19.01 3.95 -6.05
N LYS A 58 -18.70 2.68 -5.81
CA LYS A 58 -17.34 2.19 -5.68
C LYS A 58 -17.17 0.92 -6.50
N TYR A 59 -16.26 0.93 -7.47
CA TYR A 59 -16.05 -0.22 -8.34
C TYR A 59 -14.63 -0.75 -8.16
N HIS A 60 -14.48 -2.06 -8.34
CA HIS A 60 -13.18 -2.73 -8.29
C HIS A 60 -12.60 -2.87 -9.70
N VAL A 61 -11.27 -2.86 -9.80
CA VAL A 61 -10.62 -2.92 -11.09
C VAL A 61 -9.78 -4.19 -11.17
N ASN A 62 -9.49 -4.62 -12.41
CA ASN A 62 -8.79 -5.88 -12.64
C ASN A 62 -7.27 -5.77 -12.78
N PHE A 63 -6.75 -4.61 -13.18
CA PHE A 63 -5.39 -4.57 -13.72
C PHE A 63 -4.30 -4.67 -12.66
N MET A 64 -4.66 -4.97 -11.42
CA MET A 64 -3.72 -5.20 -10.35
C MET A 64 -3.84 -6.65 -9.88
N GLY A 65 -2.71 -7.34 -9.78
CA GLY A 65 -2.70 -8.63 -9.12
C GLY A 65 -3.05 -9.82 -9.98
N GLY A 66 -2.84 -9.75 -11.29
CA GLY A 66 -3.00 -10.91 -12.13
C GLY A 66 -4.39 -11.51 -12.09
N ASP A 67 -4.45 -12.85 -12.19
CA ASP A 67 -5.73 -13.54 -12.26
C ASP A 67 -6.51 -13.46 -10.95
N LEU A 68 -5.82 -13.28 -9.82
CA LEU A 68 -6.51 -13.01 -8.56
C LEU A 68 -7.26 -11.68 -8.62
N GLY A 69 -6.77 -10.72 -9.42
CA GLY A 69 -7.46 -9.45 -9.52
C GLY A 69 -8.82 -9.58 -10.16
N LYS A 70 -8.96 -10.47 -11.15
CA LYS A 70 -10.27 -10.74 -11.73
C LYS A 70 -11.20 -11.39 -10.72
N ASP A 71 -10.67 -12.31 -9.93
CA ASP A 71 -11.48 -12.97 -8.89
C ASP A 71 -11.95 -11.96 -7.85
N LEU A 72 -11.11 -10.98 -7.51
CA LEU A 72 -11.50 -9.97 -6.54
C LEU A 72 -12.56 -9.04 -7.10
N THR A 73 -12.55 -8.81 -8.42
CA THR A 73 -13.63 -8.02 -9.03
C THR A 73 -14.95 -8.78 -9.01
N GLN A 74 -14.90 -10.08 -9.26
CA GLN A 74 -16.11 -10.88 -9.14
C GLN A 74 -16.57 -10.97 -7.69
N ALA A 75 -15.62 -11.01 -6.75
CA ALA A 75 -15.99 -11.03 -5.32
C ALA A 75 -16.65 -9.73 -4.90
N TRP A 76 -16.13 -8.59 -5.37
CA TRP A 76 -16.77 -7.32 -5.04
C TRP A 76 -18.15 -7.23 -5.66
N ALA A 77 -18.34 -7.82 -6.84
CA ALA A 77 -19.67 -7.92 -7.42
C ALA A 77 -20.60 -8.71 -6.52
N VAL A 78 -20.12 -9.81 -5.94
CA VAL A 78 -20.91 -10.59 -5.00
C VAL A 78 -21.27 -9.74 -3.78
N ALA A 79 -20.31 -8.95 -3.30
CA ALA A 79 -20.55 -8.09 -2.14
C ALA A 79 -21.61 -7.05 -2.44
N MET A 80 -21.58 -6.46 -3.64
CA MET A 80 -22.60 -5.49 -3.99
C MET A 80 -23.96 -6.16 -4.13
N ALA A 81 -24.00 -7.33 -4.79
CA ALA A 81 -25.26 -8.04 -4.99
C ALA A 81 -25.91 -8.42 -3.67
N LEU A 82 -25.12 -8.88 -2.69
CA LEU A 82 -25.63 -9.27 -1.39
C LEU A 82 -25.69 -8.12 -0.40
N GLY A 83 -25.09 -6.98 -0.70
CA GLY A 83 -25.06 -5.91 0.27
C GLY A 83 -24.22 -6.20 1.51
N VAL A 84 -23.08 -6.86 1.35
CA VAL A 84 -22.24 -7.18 2.50
C VAL A 84 -20.89 -6.47 2.39
N GLU A 85 -20.85 -5.32 1.71
CA GLU A 85 -19.58 -4.59 1.57
C GLU A 85 -18.98 -4.28 2.93
N ASP A 86 -19.80 -3.83 3.89
CA ASP A 86 -19.33 -3.44 5.20
C ASP A 86 -18.77 -4.61 5.99
N LYS A 87 -19.10 -5.84 5.61
CA LYS A 87 -18.60 -6.99 6.34
C LYS A 87 -17.34 -7.61 5.73
N VAL A 88 -17.02 -7.32 4.48
CA VAL A 88 -15.90 -7.97 3.80
C VAL A 88 -14.82 -7.00 3.38
N THR A 89 -15.06 -5.69 3.38
CA THR A 89 -14.09 -4.75 2.84
C THR A 89 -12.76 -4.84 3.57
N VAL A 90 -12.78 -4.71 4.89
CA VAL A 90 -11.56 -4.74 5.69
C VAL A 90 -10.93 -6.13 5.68
N PRO A 91 -11.66 -7.23 5.97
CA PRO A 91 -11.00 -8.55 5.90
C PRO A 91 -10.37 -8.85 4.54
N LEU A 92 -10.90 -8.31 3.44
CA LEU A 92 -10.27 -8.53 2.14
C LEU A 92 -9.01 -7.69 1.98
N PHE A 93 -9.08 -6.41 2.38
CA PHE A 93 -7.88 -5.59 2.34
C PHE A 93 -6.77 -6.21 3.18
N GLU A 94 -7.11 -6.63 4.41
CA GLU A 94 -6.08 -7.14 5.31
C GLU A 94 -5.59 -8.52 4.89
N GLY A 95 -6.46 -9.36 4.33
CA GLY A 95 -6.00 -10.65 3.84
C GLY A 95 -5.15 -10.56 2.59
N VAL A 96 -5.38 -9.54 1.77
CA VAL A 96 -4.60 -9.40 0.54
C VAL A 96 -3.27 -8.69 0.81
N GLN A 97 -3.30 -7.59 1.58
CA GLN A 97 -2.12 -6.74 1.73
C GLN A 97 -1.44 -6.87 3.10
N LYS A 98 -2.20 -7.04 4.17
CA LYS A 98 -1.61 -7.06 5.51
C LYS A 98 -1.04 -8.43 5.86
N THR A 99 -1.86 -9.49 5.79
CA THR A 99 -1.37 -10.83 6.09
C THR A 99 -0.92 -11.61 4.86
N GLN A 100 -1.37 -11.22 3.67
CA GLN A 100 -1.04 -11.89 2.41
C GLN A 100 -1.40 -13.37 2.45
N THR A 101 -2.47 -13.69 3.17
CA THR A 101 -3.03 -15.03 3.28
C THR A 101 -4.15 -15.29 2.28
N ILE A 102 -4.55 -14.28 1.51
CA ILE A 102 -5.54 -14.45 0.43
C ILE A 102 -4.75 -14.54 -0.87
N ARG A 103 -4.72 -15.73 -1.46
CA ARG A 103 -3.95 -15.98 -2.68
C ARG A 103 -4.74 -16.76 -3.72
N SER A 104 -6.02 -17.03 -3.47
CA SER A 104 -6.80 -17.84 -4.39
C SER A 104 -8.29 -17.54 -4.21
N ALA A 105 -9.09 -18.04 -5.15
CA ALA A 105 -10.52 -17.82 -5.07
C ALA A 105 -11.12 -18.47 -3.83
N SER A 106 -10.55 -19.60 -3.40
CA SER A 106 -11.05 -20.27 -2.21
C SER A 106 -10.74 -19.46 -0.95
N ASP A 107 -9.61 -18.74 -0.93
CA ASP A 107 -9.31 -17.87 0.20
C ASP A 107 -10.29 -16.69 0.25
N ILE A 108 -10.68 -16.17 -0.90
CA ILE A 108 -11.70 -15.13 -0.95
C ILE A 108 -13.01 -15.65 -0.39
N ARG A 109 -13.43 -16.82 -0.87
CA ARG A 109 -14.62 -17.48 -0.36
C ARG A 109 -14.59 -17.61 1.16
N ASP A 110 -13.44 -18.03 1.71
CA ASP A 110 -13.33 -18.23 3.15
C ASP A 110 -13.57 -16.94 3.92
N VAL A 111 -13.16 -15.80 3.36
CA VAL A 111 -13.42 -14.52 4.02
C VAL A 111 -14.93 -14.27 4.12
N PHE A 112 -15.67 -14.56 3.05
CA PHE A 112 -17.12 -14.33 3.07
C PHE A 112 -17.81 -15.24 4.07
N ILE A 113 -17.34 -16.49 4.19
CA ILE A 113 -17.97 -17.43 5.12
C ILE A 113 -17.74 -16.99 6.56
N ASN A 114 -16.49 -16.62 6.89
CA ASN A 114 -16.22 -16.16 8.26
C ASN A 114 -16.90 -14.84 8.57
N ALA A 115 -17.42 -14.13 7.58
CA ALA A 115 -18.20 -12.93 7.79
C ALA A 115 -19.69 -13.21 7.90
N GLY A 116 -20.11 -14.47 7.83
CA GLY A 116 -21.49 -14.86 8.04
C GLY A 116 -22.25 -15.21 6.80
N ILE A 117 -21.67 -15.07 5.61
CA ILE A 117 -22.36 -15.43 4.38
C ILE A 117 -22.22 -16.93 4.20
N LYS A 118 -23.36 -17.62 4.10
CA LYS A 118 -23.33 -19.07 3.94
C LYS A 118 -22.73 -19.46 2.59
N GLY A 119 -22.01 -20.58 2.58
CA GLY A 119 -21.31 -21.00 1.37
C GLY A 119 -22.24 -21.21 0.19
N GLU A 120 -23.43 -21.78 0.45
CA GLU A 120 -24.41 -21.95 -0.62
C GLU A 120 -24.92 -20.60 -1.13
N GLU A 121 -24.99 -19.60 -0.26
CA GLU A 121 -25.39 -18.27 -0.70
C GLU A 121 -24.29 -17.61 -1.53
N TYR A 122 -23.03 -17.79 -1.13
CA TYR A 122 -21.92 -17.23 -1.90
C TYR A 122 -21.78 -17.89 -3.27
N ASP A 123 -21.88 -19.22 -3.31
CA ASP A 123 -21.70 -19.93 -4.57
C ASP A 123 -22.82 -19.59 -5.55
N ALA A 124 -24.05 -19.47 -5.05
CA ALA A 124 -25.16 -19.07 -5.90
C ALA A 124 -24.93 -17.68 -6.48
N ALA A 125 -24.56 -16.72 -5.62
CA ALA A 125 -24.30 -15.36 -6.09
C ALA A 125 -23.11 -15.32 -7.04
N TRP A 126 -22.03 -16.04 -6.69
CA TRP A 126 -20.82 -16.07 -7.50
C TRP A 126 -21.10 -16.48 -8.95
N ASN A 127 -22.04 -17.39 -9.15
CA ASN A 127 -22.36 -17.93 -10.47
C ASN A 127 -23.59 -17.28 -11.11
N SER A 128 -24.20 -16.30 -10.46
CA SER A 128 -25.44 -15.71 -10.94
C SER A 128 -25.20 -14.84 -12.17
N PHE A 129 -26.28 -14.62 -12.92
CA PHE A 129 -26.21 -13.65 -14.02
C PHE A 129 -26.01 -12.24 -13.49
N VAL A 130 -26.61 -11.94 -12.33
CA VAL A 130 -26.50 -10.62 -11.73
C VAL A 130 -25.04 -10.26 -11.47
N VAL A 131 -24.26 -11.20 -10.96
CA VAL A 131 -22.86 -10.92 -10.69
C VAL A 131 -22.09 -10.81 -12.00
N LYS A 132 -22.45 -11.62 -12.99
CA LYS A 132 -21.89 -11.47 -14.33
C LYS A 132 -22.14 -10.07 -14.87
N SER A 133 -23.36 -9.56 -14.69
CA SER A 133 -23.69 -8.23 -15.17
C SER A 133 -22.92 -7.17 -14.38
N LEU A 134 -22.70 -7.40 -13.09
CA LEU A 134 -21.95 -6.46 -12.26
C LEU A 134 -20.47 -6.44 -12.63
N VAL A 135 -19.89 -7.60 -12.96
CA VAL A 135 -18.50 -7.64 -13.40
C VAL A 135 -18.34 -6.81 -14.67
N ALA A 136 -19.23 -7.05 -15.65
CA ALA A 136 -19.14 -6.31 -16.91
C ALA A 136 -19.38 -4.83 -16.68
N GLN A 137 -20.28 -4.49 -15.74
N GLN A 137 -20.27 -4.49 -15.73
CA GLN A 137 -20.57 -3.09 -15.45
CA GLN A 137 -20.58 -3.10 -15.44
C GLN A 137 -19.33 -2.37 -14.92
C GLN A 137 -19.35 -2.36 -14.90
N GLN A 138 -18.61 -3.00 -13.99
CA GLN A 138 -17.41 -2.38 -13.44
C GLN A 138 -16.35 -2.17 -14.52
N GLU A 139 -16.18 -3.16 -15.41
CA GLU A 139 -15.18 -3.05 -16.46
C GLU A 139 -15.56 -2.00 -17.49
N LYS A 140 -16.85 -1.83 -17.76
CA LYS A 140 -17.27 -0.83 -18.73
C LYS A 140 -17.04 0.58 -18.22
N ALA A 141 -17.35 0.83 -16.93
CA ALA A 141 -17.11 2.15 -16.36
C ALA A 141 -15.63 2.49 -16.38
N ALA A 142 -14.77 1.52 -16.09
CA ALA A 142 -13.33 1.77 -16.15
C ALA A 142 -12.90 2.11 -17.56
N ALA A 143 -13.36 1.33 -18.55
CA ALA A 143 -12.99 1.62 -19.93
C ALA A 143 -13.55 2.97 -20.38
N ASP A 144 -14.75 3.32 -19.92
CA ASP A 144 -15.39 4.56 -20.36
C ASP A 144 -14.69 5.81 -19.85
N VAL A 145 -13.91 5.72 -18.78
CA VAL A 145 -13.17 6.87 -18.26
C VAL A 145 -11.70 6.75 -18.53
N GLN A 146 -11.29 5.78 -19.35
CA GLN A 146 -9.89 5.61 -19.72
C GLN A 146 -9.00 5.42 -18.49
N LEU A 147 -9.47 4.61 -17.55
CA LEU A 147 -8.81 4.44 -16.26
C LEU A 147 -7.47 3.73 -16.43
N ARG A 148 -6.42 4.29 -15.83
CA ARG A 148 -5.10 3.69 -15.87
C ARG A 148 -4.53 3.34 -14.50
N GLY A 149 -5.13 3.83 -13.42
CA GLY A 149 -4.62 3.52 -12.10
C GLY A 149 -5.66 3.83 -11.06
N VAL A 150 -5.41 3.36 -9.85
CA VAL A 150 -6.31 3.63 -8.74
C VAL A 150 -5.45 4.01 -7.54
N PRO A 151 -6.04 4.64 -6.51
CA PRO A 151 -7.43 5.09 -6.38
C PRO A 151 -7.74 6.21 -7.34
N ALA A 152 -8.96 6.22 -7.86
CA ALA A 152 -9.40 7.27 -8.74
C ALA A 152 -10.84 7.58 -8.40
N MET A 153 -11.24 8.83 -8.62
CA MET A 153 -12.60 9.23 -8.34
C MET A 153 -13.08 10.19 -9.41
N PHE A 154 -14.28 9.94 -9.90
CA PHE A 154 -14.87 10.71 -10.99
C PHE A 154 -16.17 11.32 -10.53
N VAL A 155 -16.44 12.53 -10.99
CA VAL A 155 -17.63 13.27 -10.59
C VAL A 155 -18.47 13.51 -11.84
N ASN A 156 -19.69 12.95 -11.85
CA ASN A 156 -20.66 13.12 -12.93
C ASN A 156 -20.11 12.69 -14.28
N GLY A 157 -19.25 11.68 -14.29
CA GLY A 157 -18.66 11.18 -15.51
C GLY A 157 -17.88 12.19 -16.31
N LYS A 158 -17.48 13.31 -15.70
CA LYS A 158 -16.86 14.40 -16.45
C LYS A 158 -15.54 14.88 -15.83
N TYR A 159 -15.42 14.84 -14.51
CA TYR A 159 -14.28 15.43 -13.83
C TYR A 159 -13.56 14.36 -13.03
N GLN A 160 -12.24 14.29 -13.19
CA GLN A 160 -11.42 13.32 -12.47
C GLN A 160 -10.59 14.05 -11.43
N LEU A 161 -10.72 13.63 -10.17
CA LEU A 161 -9.90 14.19 -9.11
C LEU A 161 -8.42 13.96 -9.41
N ASN A 162 -7.59 14.92 -9.02
CA ASN A 162 -6.15 14.86 -9.24
C ASN A 162 -5.45 15.00 -7.89
N PRO A 163 -5.28 13.91 -7.15
CA PRO A 163 -4.70 14.04 -5.80
C PRO A 163 -3.25 14.49 -5.80
N GLN A 164 -2.46 14.22 -6.85
CA GLN A 164 -1.08 14.67 -6.80
C GLN A 164 -0.97 16.18 -7.00
N GLY A 165 -2.07 16.87 -7.29
CA GLY A 165 -2.09 18.32 -7.39
C GLY A 165 -2.64 18.99 -6.15
N MET A 166 -2.89 18.22 -5.09
CA MET A 166 -3.27 18.66 -3.77
C MET A 166 -2.07 18.54 -2.83
N ASP A 167 -2.19 19.17 -1.67
CA ASP A 167 -1.16 19.07 -0.64
C ASP A 167 -1.10 17.65 -0.08
N THR A 168 -0.08 16.86 -0.44
CA THR A 168 0.03 15.50 0.08
C THR A 168 1.04 15.38 1.22
N SER A 169 1.55 16.52 1.72
CA SER A 169 2.46 16.56 2.86
C SER A 169 1.77 16.24 4.19
N ASN A 170 0.49 16.60 4.33
CA ASN A 170 -0.24 16.44 5.58
C ASN A 170 -1.53 15.69 5.32
N MET A 171 -1.87 14.71 6.18
CA MET A 171 -3.02 13.85 5.90
C MET A 171 -4.35 14.59 6.05
N ASP A 172 -4.44 15.47 7.04
CA ASP A 172 -5.70 16.16 7.30
C ASP A 172 -5.99 17.20 6.22
N VAL A 173 -4.96 17.90 5.77
CA VAL A 173 -5.11 18.85 4.67
C VAL A 173 -5.45 18.12 3.37
N PHE A 174 -4.79 16.99 3.13
CA PHE A 174 -5.07 16.22 1.93
C PHE A 174 -6.53 15.78 1.89
N VAL A 175 -7.02 15.25 3.01
CA VAL A 175 -8.41 14.79 3.07
C VAL A 175 -9.38 15.94 2.86
N GLN A 176 -9.09 17.11 3.44
CA GLN A 176 -10.02 18.23 3.32
C GLN A 176 -10.00 18.81 1.91
N GLN A 177 -8.82 18.86 1.28
CA GLN A 177 -8.78 19.35 -0.10
C GLN A 177 -9.45 18.38 -1.07
N TYR A 178 -9.25 17.07 -0.85
CA TYR A 178 -9.90 16.06 -1.68
C TYR A 178 -11.42 16.13 -1.57
N ALA A 179 -11.94 16.19 -0.34
CA ALA A 179 -13.38 16.19 -0.14
C ALA A 179 -14.03 17.49 -0.60
N ASP A 180 -13.32 18.62 -0.41
CA ASP A 180 -13.86 19.90 -0.87
C ASP A 180 -13.86 20.00 -2.38
N THR A 181 -12.91 19.35 -3.06
CA THR A 181 -12.95 19.34 -4.52
C THR A 181 -14.15 18.55 -5.02
N VAL A 182 -14.48 17.42 -4.39
CA VAL A 182 -15.64 16.65 -4.82
C VAL A 182 -16.90 17.47 -4.63
N LYS A 183 -17.01 18.15 -3.49
CA LYS A 183 -18.17 19.00 -3.23
C LYS A 183 -18.30 20.11 -4.28
N TYR A 184 -17.19 20.78 -4.60
CA TYR A 184 -17.23 21.84 -5.60
C TYR A 184 -17.66 21.29 -6.96
N LEU A 185 -17.07 20.18 -7.39
CA LEU A 185 -17.40 19.59 -8.68
C LEU A 185 -18.82 19.03 -8.70
N SER A 186 -19.30 18.54 -7.56
CA SER A 186 -20.63 17.94 -7.53
C SER A 186 -21.71 18.98 -7.73
N GLU A 187 -21.43 20.25 -7.44
CA GLU A 187 -22.38 21.33 -7.65
C GLU A 187 -22.37 21.85 -9.08
N LYS A 188 -21.59 21.26 -9.97
CA LYS A 188 -21.51 21.72 -11.36
C LYS A 188 -22.63 21.07 -12.18
N ALA B 1 17.68 -28.86 -5.42
CA ALA B 1 16.33 -28.48 -5.81
C ALA B 1 15.58 -27.86 -4.63
N GLN B 2 16.13 -28.03 -3.42
CA GLN B 2 15.54 -27.39 -2.25
C GLN B 2 15.49 -25.88 -2.44
N TYR B 3 16.60 -25.29 -2.89
CA TYR B 3 16.67 -23.86 -3.20
C TYR B 3 16.85 -23.73 -4.71
N GLU B 4 15.77 -23.41 -5.40
CA GLU B 4 15.80 -23.23 -6.85
C GLU B 4 15.58 -21.75 -7.18
N ASP B 5 16.36 -21.23 -8.13
CA ASP B 5 16.10 -19.90 -8.65
C ASP B 5 14.73 -19.87 -9.33
N GLY B 6 13.89 -18.94 -8.91
CA GLY B 6 12.52 -18.85 -9.38
C GLY B 6 11.49 -19.34 -8.40
N LYS B 7 11.90 -20.00 -7.32
CA LYS B 7 10.98 -20.46 -6.28
C LYS B 7 11.13 -19.61 -5.03
N GLN B 8 12.17 -19.86 -4.23
CA GLN B 8 12.39 -19.09 -3.01
C GLN B 8 13.02 -17.73 -3.28
N TYR B 9 13.61 -17.54 -4.45
CA TYR B 9 14.26 -16.28 -4.77
C TYR B 9 14.31 -16.13 -6.28
N THR B 10 14.64 -14.92 -6.72
CA THR B 10 14.98 -14.67 -8.11
C THR B 10 16.32 -13.96 -8.19
N THR B 11 16.89 -13.95 -9.38
CA THR B 11 18.15 -13.28 -9.68
C THR B 11 17.92 -12.13 -10.64
N LEU B 12 18.46 -10.98 -10.25
CA LEU B 12 18.38 -9.75 -11.03
C LEU B 12 19.15 -9.88 -12.33
N GLU B 13 18.62 -9.29 -13.40
CA GLU B 13 19.27 -9.34 -14.69
C GLU B 13 20.59 -8.57 -14.68
N LYS B 14 20.60 -7.39 -14.06
CA LYS B 14 21.80 -6.59 -13.92
C LYS B 14 22.16 -6.48 -12.44
N PRO B 15 23.14 -7.25 -11.97
CA PRO B 15 23.53 -7.14 -10.55
C PRO B 15 24.04 -5.75 -10.22
N VAL B 16 23.81 -5.34 -8.98
CA VAL B 16 24.15 -4.01 -8.50
C VAL B 16 25.55 -4.04 -7.92
N ALA B 17 26.47 -3.34 -8.59
CA ALA B 17 27.82 -3.19 -8.06
C ALA B 17 27.82 -2.40 -6.76
N GLY B 18 28.53 -2.91 -5.76
CA GLY B 18 28.69 -2.18 -4.51
C GLY B 18 27.45 -2.10 -3.64
N ALA B 19 26.47 -2.98 -3.87
CA ALA B 19 25.26 -2.95 -3.07
C ALA B 19 25.53 -3.48 -1.65
N PRO B 20 24.73 -3.07 -0.67
CA PRO B 20 24.85 -3.68 0.65
C PRO B 20 24.53 -5.16 0.58
N GLN B 21 25.22 -5.95 1.40
CA GLN B 21 25.12 -7.40 1.31
C GLN B 21 23.71 -7.90 1.61
N VAL B 22 23.03 -7.29 2.59
CA VAL B 22 21.67 -7.69 2.98
C VAL B 22 20.83 -6.43 3.08
N LEU B 23 19.91 -6.26 2.13
CA LEU B 23 19.22 -4.99 1.93
C LEU B 23 17.72 -5.19 2.00
N GLU B 24 17.08 -4.52 2.96
CA GLU B 24 15.64 -4.58 3.10
C GLU B 24 15.03 -3.24 2.74
N PHE B 25 13.92 -3.27 2.00
CA PHE B 25 13.15 -2.09 1.66
C PHE B 25 11.80 -2.15 2.36
N PHE B 26 11.37 -1.02 2.89
CA PHE B 26 10.11 -0.97 3.61
C PHE B 26 9.51 0.41 3.49
N SER B 27 8.25 0.51 3.93
CA SER B 27 7.57 1.78 4.11
C SER B 27 6.82 1.72 5.43
N PHE B 28 6.83 2.83 6.15
CA PHE B 28 6.03 2.91 7.37
C PHE B 28 4.54 2.94 7.08
N PHE B 29 4.13 3.13 5.84
CA PHE B 29 2.73 3.03 5.45
C PHE B 29 2.28 1.63 5.14
N CYS B 30 3.22 0.77 4.76
CA CYS B 30 2.92 -0.55 4.26
C CYS B 30 2.44 -1.48 5.37
N PRO B 31 1.24 -2.06 5.26
CA PRO B 31 0.77 -2.95 6.34
C PRO B 31 1.53 -4.26 6.46
N HIS B 32 1.92 -4.88 5.34
CA HIS B 32 2.73 -6.08 5.43
C HIS B 32 4.09 -5.79 6.07
N CYS B 33 4.67 -4.62 5.78
CA CYS B 33 5.90 -4.24 6.47
C CYS B 33 5.68 -4.09 7.96
N TYR B 34 4.49 -3.62 8.38
CA TYR B 34 4.16 -3.60 9.80
C TYR B 34 4.20 -5.00 10.40
N GLN B 35 3.67 -6.00 9.68
CA GLN B 35 3.68 -7.36 10.22
C GLN B 35 5.11 -7.88 10.32
N PHE B 36 5.95 -7.54 9.34
CA PHE B 36 7.36 -7.94 9.38
C PHE B 36 8.05 -7.44 10.64
N GLU B 37 7.68 -6.25 11.10
CA GLU B 37 8.34 -5.65 12.26
C GLU B 37 7.77 -6.13 13.59
N GLU B 38 6.44 -6.07 13.75
CA GLU B 38 5.81 -6.26 15.05
C GLU B 38 5.34 -7.68 15.31
N VAL B 39 5.05 -8.46 14.26
CA VAL B 39 4.47 -9.79 14.41
C VAL B 39 5.46 -10.88 14.01
N LEU B 40 5.96 -10.83 12.78
CA LEU B 40 6.85 -11.87 12.30
C LEU B 40 8.29 -11.64 12.75
N HIS B 41 8.65 -10.41 13.09
CA HIS B 41 10.02 -10.05 13.48
C HIS B 41 11.05 -10.56 12.47
N ILE B 42 10.78 -10.29 11.20
CA ILE B 42 11.60 -10.81 10.11
C ILE B 42 13.05 -10.36 10.25
N SER B 43 13.26 -9.09 10.60
CA SER B 43 14.61 -8.51 10.56
C SER B 43 15.55 -9.22 11.53
N ASP B 44 15.18 -9.28 12.82
CA ASP B 44 16.08 -9.93 13.76
C ASP B 44 16.02 -11.45 13.69
N ASN B 45 15.01 -12.02 13.03
CA ASN B 45 15.05 -13.45 12.78
C ASN B 45 16.12 -13.78 11.75
N VAL B 46 16.23 -12.94 10.72
CA VAL B 46 17.31 -13.08 9.75
C VAL B 46 18.65 -12.87 10.44
N LYS B 47 18.72 -11.87 11.32
CA LYS B 47 19.95 -11.58 12.05
C LYS B 47 20.42 -12.77 12.86
N LYS B 48 19.48 -13.59 13.37
CA LYS B 48 19.87 -14.76 14.15
C LYS B 48 20.59 -15.80 13.31
N LYS B 49 20.24 -15.92 12.02
CA LYS B 49 20.83 -16.98 11.21
C LYS B 49 22.01 -16.50 10.37
N LEU B 50 22.34 -15.21 10.45
CA LEU B 50 23.50 -14.59 9.83
C LEU B 50 24.63 -14.43 10.84
N PRO B 51 25.89 -14.34 10.38
CA PRO B 51 27.01 -14.15 11.31
C PRO B 51 26.88 -12.88 12.14
N GLU B 52 27.69 -12.82 13.20
CA GLU B 52 27.60 -11.80 14.24
C GLU B 52 27.81 -10.36 13.77
N GLY B 53 29.01 -10.04 13.28
CA GLY B 53 29.37 -8.72 12.83
C GLY B 53 28.89 -8.30 11.45
N VAL B 54 28.02 -9.08 10.82
CA VAL B 54 27.52 -8.77 9.48
C VAL B 54 26.50 -7.63 9.57
N LYS B 55 26.63 -6.66 8.67
CA LYS B 55 25.75 -5.50 8.66
C LYS B 55 24.47 -5.79 7.88
N MET B 56 23.33 -5.46 8.49
CA MET B 56 22.03 -5.51 7.84
C MET B 56 21.59 -4.09 7.54
N THR B 57 21.13 -3.83 6.31
CA THR B 57 20.76 -2.47 5.94
C THR B 57 19.28 -2.42 5.54
N LYS B 58 18.62 -1.34 5.92
CA LYS B 58 17.18 -1.19 5.73
C LYS B 58 16.87 0.22 5.21
N TYR B 59 16.24 0.30 4.04
CA TYR B 59 15.94 1.56 3.39
C TYR B 59 14.43 1.77 3.28
N HIS B 60 14.01 3.03 3.39
CA HIS B 60 12.61 3.44 3.24
C HIS B 60 12.36 3.86 1.80
N VAL B 61 11.13 3.69 1.34
CA VAL B 61 10.81 3.96 -0.06
C VAL B 61 9.86 5.15 -0.18
N ASN B 62 9.81 5.71 -1.38
CA ASN B 62 9.04 6.91 -1.65
C ASN B 62 7.65 6.66 -2.22
N PHE B 63 7.40 5.51 -2.83
CA PHE B 63 6.23 5.45 -3.70
C PHE B 63 4.92 5.25 -2.94
N MET B 64 4.91 5.31 -1.62
CA MET B 64 3.66 5.28 -0.85
C MET B 64 3.52 6.56 -0.04
N GLY B 65 2.35 7.19 -0.14
CA GLY B 65 1.99 8.28 0.73
C GLY B 65 2.39 9.67 0.28
N GLY B 66 2.59 9.88 -1.02
CA GLY B 66 2.81 11.24 -1.50
C GLY B 66 3.99 11.91 -0.83
N ASP B 67 3.89 13.23 -0.65
CA ASP B 67 4.99 13.97 -0.06
C ASP B 67 5.20 13.62 1.40
N LEU B 68 4.17 13.13 2.09
CA LEU B 68 4.40 12.61 3.43
C LEU B 68 5.30 11.39 3.40
N GLY B 69 5.20 10.59 2.33
CA GLY B 69 6.07 9.44 2.19
C GLY B 69 7.51 9.86 1.99
N LYS B 70 7.72 10.97 1.27
CA LYS B 70 9.07 11.51 1.16
C LYS B 70 9.57 12.02 2.50
N ASP B 71 8.69 12.65 3.29
CA ASP B 71 9.11 13.10 4.62
C ASP B 71 9.51 11.93 5.49
N LEU B 72 8.82 10.80 5.35
CA LEU B 72 9.19 9.63 6.12
C LEU B 72 10.52 9.04 5.65
N THR B 73 10.84 9.19 4.36
CA THR B 73 12.13 8.73 3.87
C THR B 73 13.26 9.62 4.38
N GLN B 74 13.03 10.94 4.42
CA GLN B 74 14.00 11.84 5.01
C GLN B 74 14.12 11.65 6.52
N ALA B 75 13.01 11.33 7.18
CA ALA B 75 13.07 11.04 8.62
C ALA B 75 13.85 9.77 8.91
N TRP B 76 13.68 8.73 8.08
CA TRP B 76 14.47 7.52 8.27
C TRP B 76 15.95 7.78 8.01
N ALA B 77 16.27 8.66 7.05
CA ALA B 77 17.66 9.08 6.87
C ALA B 77 18.19 9.76 8.12
N VAL B 78 17.38 10.62 8.76
CA VAL B 78 17.80 11.24 10.01
C VAL B 78 18.05 10.18 11.07
N ALA B 79 17.19 9.15 11.12
CA ALA B 79 17.37 8.08 12.10
C ALA B 79 18.67 7.32 11.85
N MET B 80 19.01 7.06 10.59
CA MET B 80 20.26 6.38 10.28
C MET B 80 21.46 7.26 10.62
N ALA B 81 21.38 8.55 10.29
CA ALA B 81 22.47 9.47 10.56
C ALA B 81 22.77 9.56 12.05
N LEU B 82 21.74 9.56 12.89
CA LEU B 82 21.87 9.67 14.33
C LEU B 82 22.01 8.33 15.04
N GLY B 83 21.80 7.23 14.33
CA GLY B 83 21.85 5.90 14.94
C GLY B 83 20.75 5.61 15.94
N VAL B 84 19.54 6.12 15.71
CA VAL B 84 18.44 5.91 16.66
C VAL B 84 17.33 5.08 16.03
N GLU B 85 17.70 4.20 15.09
CA GLU B 85 16.70 3.38 14.41
C GLU B 85 15.85 2.59 15.40
N ASP B 86 16.49 1.90 16.35
CA ASP B 86 15.77 1.04 17.28
C ASP B 86 14.82 1.82 18.18
N LYS B 87 15.02 3.12 18.32
CA LYS B 87 14.19 3.94 19.20
C LYS B 87 13.00 4.58 18.49
N VAL B 88 12.99 4.62 17.16
CA VAL B 88 11.92 5.28 16.43
C VAL B 88 11.11 4.34 15.56
N THR B 89 11.60 3.11 15.32
CA THR B 89 10.94 2.21 14.39
C THR B 89 9.51 1.91 14.81
N VAL B 90 9.34 1.41 16.03
CA VAL B 90 8.03 1.02 16.54
C VAL B 90 7.13 2.25 16.71
N PRO B 91 7.55 3.31 17.41
CA PRO B 91 6.68 4.50 17.50
C PRO B 91 6.27 5.10 16.16
N LEU B 92 7.09 4.99 15.11
CA LEU B 92 6.68 5.52 13.81
C LEU B 92 5.67 4.60 13.13
N PHE B 93 5.91 3.29 13.19
CA PHE B 93 4.94 2.33 12.64
C PHE B 93 3.58 2.49 13.30
N GLU B 94 3.55 2.55 14.64
CA GLU B 94 2.27 2.63 15.34
C GLU B 94 1.62 3.99 15.16
N GLY B 95 2.41 5.05 15.10
CA GLY B 95 1.83 6.38 14.91
C GLY B 95 1.25 6.56 13.52
N VAL B 96 1.77 5.84 12.54
CA VAL B 96 1.22 5.96 11.20
C VAL B 96 0.03 5.03 11.04
N GLN B 97 0.14 3.78 11.50
CA GLN B 97 -0.86 2.76 11.20
C GLN B 97 -1.79 2.43 12.37
N LYS B 98 -1.29 2.30 13.60
CA LYS B 98 -2.15 1.83 14.69
C LYS B 98 -2.92 2.97 15.34
N THR B 99 -2.23 3.97 15.87
CA THR B 99 -2.88 5.10 16.54
C THR B 99 -3.23 6.23 15.58
N GLN B 100 -2.59 6.27 14.41
CA GLN B 100 -2.87 7.26 13.38
C GLN B 100 -2.72 8.68 13.92
N THR B 101 -1.75 8.86 14.82
CA THR B 101 -1.44 10.16 15.39
C THR B 101 -0.35 10.90 14.61
N ILE B 102 0.26 10.23 13.64
CA ILE B 102 1.27 10.84 12.78
C ILE B 102 0.59 11.19 11.45
N ARG B 103 0.45 12.49 11.19
CA ARG B 103 -0.27 12.93 10.00
C ARG B 103 0.50 13.95 9.18
N SER B 104 1.70 14.32 9.62
CA SER B 104 2.49 15.34 8.96
C SER B 104 3.91 15.21 9.47
N ALA B 105 4.80 16.00 8.87
CA ALA B 105 6.21 16.00 9.26
C ALA B 105 6.41 16.42 10.71
N SER B 106 5.58 17.33 11.22
CA SER B 106 5.76 17.76 12.59
C SER B 106 5.46 16.64 13.59
N ASP B 107 4.49 15.77 13.29
CA ASP B 107 4.24 14.62 14.15
C ASP B 107 5.42 13.66 14.13
N ILE B 108 6.08 13.51 12.98
CA ILE B 108 7.28 12.67 12.90
C ILE B 108 8.37 13.23 13.81
N ARG B 109 8.62 14.54 13.70
CA ARG B 109 9.56 15.20 14.58
C ARG B 109 9.26 14.89 16.04
N ASP B 110 7.97 14.92 16.43
CA ASP B 110 7.58 14.67 17.82
C ASP B 110 7.98 13.27 18.29
N VAL B 111 7.94 12.27 17.40
CA VAL B 111 8.36 10.92 17.79
C VAL B 111 9.83 10.94 18.19
N PHE B 112 10.66 11.66 17.43
CA PHE B 112 12.08 11.76 17.73
C PHE B 112 12.33 12.51 19.04
N ILE B 113 11.53 13.55 19.32
CA ILE B 113 11.71 14.32 20.54
C ILE B 113 11.41 13.47 21.76
N ASN B 114 10.29 12.74 21.74
CA ASN B 114 9.94 11.85 22.84
C ASN B 114 10.85 10.65 22.94
N ALA B 115 11.65 10.38 21.91
CA ALA B 115 12.65 9.33 21.96
C ALA B 115 13.97 9.85 22.49
N GLY B 116 14.04 11.14 22.86
CA GLY B 116 15.21 11.69 23.49
C GLY B 116 16.10 12.54 22.61
N ILE B 117 15.82 12.64 21.32
CA ILE B 117 16.62 13.48 20.44
C ILE B 117 16.14 14.92 20.61
N LYS B 118 17.05 15.82 20.97
CA LYS B 118 16.67 17.21 21.17
C LYS B 118 16.26 17.84 19.84
N GLY B 119 15.29 18.75 19.92
CA GLY B 119 14.71 19.31 18.71
C GLY B 119 15.71 20.03 17.82
N GLU B 120 16.63 20.79 18.43
CA GLU B 120 17.66 21.47 17.64
C GLU B 120 18.60 20.48 16.99
N GLU B 121 18.81 19.32 17.61
CA GLU B 121 19.65 18.28 17.02
C GLU B 121 18.93 17.63 15.84
N TYR B 122 17.63 17.37 15.98
CA TYR B 122 16.85 16.77 14.90
C TYR B 122 16.76 17.72 13.70
N ASP B 123 16.53 19.01 13.94
CA ASP B 123 16.37 19.96 12.83
C ASP B 123 17.67 20.15 12.07
N ALA B 124 18.80 20.17 12.78
CA ALA B 124 20.10 20.24 12.11
C ALA B 124 20.32 19.01 11.22
N ALA B 125 20.04 17.81 11.75
CA ALA B 125 20.19 16.60 10.94
C ALA B 125 19.24 16.62 9.75
N TRP B 126 18.00 17.08 9.97
CA TRP B 126 17.03 17.14 8.89
C TRP B 126 17.55 17.95 7.70
N ASN B 127 18.26 19.04 7.97
CA ASN B 127 18.73 19.93 6.92
C ASN B 127 20.17 19.67 6.50
N SER B 128 20.84 18.70 7.11
CA SER B 128 22.24 18.44 6.84
C SER B 128 22.47 17.83 5.46
N PHE B 129 23.69 18.00 4.95
CA PHE B 129 24.07 17.35 3.69
C PHE B 129 24.08 15.84 3.84
N VAL B 130 24.48 15.33 5.00
CA VAL B 130 24.55 13.89 5.22
C VAL B 130 23.18 13.26 5.01
N VAL B 131 22.13 13.91 5.50
CA VAL B 131 20.79 13.38 5.33
C VAL B 131 20.34 13.52 3.88
N LYS B 132 20.70 14.63 3.23
CA LYS B 132 20.45 14.75 1.79
C LYS B 132 21.07 13.60 1.04
N SER B 133 22.31 13.23 1.37
CA SER B 133 22.98 12.12 0.71
C SER B 133 22.33 10.78 1.02
N LEU B 134 21.82 10.62 2.24
CA LEU B 134 21.17 9.37 2.62
C LEU B 134 19.84 9.19 1.90
N VAL B 135 19.11 10.30 1.69
CA VAL B 135 17.88 10.23 0.92
C VAL B 135 18.17 9.76 -0.50
N ALA B 136 19.17 10.37 -1.15
CA ALA B 136 19.52 10.01 -2.52
C ALA B 136 20.00 8.56 -2.61
N GLN B 137 20.72 8.10 -1.58
CA GLN B 137 21.23 6.74 -1.58
C GLN B 137 20.09 5.74 -1.49
N GLN B 138 19.10 6.01 -0.64
CA GLN B 138 17.94 5.13 -0.57
C GLN B 138 17.20 5.07 -1.89
N GLU B 139 17.03 6.23 -2.55
CA GLU B 139 16.32 6.25 -3.82
C GLU B 139 17.12 5.56 -4.92
N LYS B 140 18.45 5.71 -4.89
CA LYS B 140 19.28 5.08 -5.91
C LYS B 140 19.25 3.56 -5.78
N ALA B 141 19.32 3.05 -4.55
CA ALA B 141 19.27 1.61 -4.35
C ALA B 141 17.94 1.03 -4.82
N ALA B 142 16.83 1.75 -4.60
CA ALA B 142 15.53 1.26 -5.07
C ALA B 142 15.50 1.17 -6.60
N ALA B 143 15.93 2.24 -7.29
CA ALA B 143 15.95 2.23 -8.75
C ALA B 143 16.89 1.14 -9.29
N ASP B 144 18.00 0.89 -8.59
CA ASP B 144 18.99 -0.06 -9.06
C ASP B 144 18.49 -1.50 -9.01
N VAL B 145 17.46 -1.79 -8.22
CA VAL B 145 16.87 -3.13 -8.18
C VAL B 145 15.49 -3.14 -8.83
N GLN B 146 15.10 -2.07 -9.53
CA GLN B 146 13.81 -2.00 -10.20
C GLN B 146 12.67 -2.25 -9.23
N LEU B 147 12.77 -1.66 -8.05
CA LEU B 147 11.83 -1.94 -6.97
C LEU B 147 10.44 -1.36 -7.31
N ARG B 148 9.41 -2.20 -7.15
CA ARG B 148 8.04 -1.76 -7.38
C ARG B 148 7.12 -1.93 -6.18
N GLY B 149 7.54 -2.65 -5.14
CA GLY B 149 6.71 -2.81 -3.96
C GLY B 149 7.57 -3.23 -2.79
N VAL B 150 6.98 -3.15 -1.60
CA VAL B 150 7.64 -3.54 -0.35
C VAL B 150 6.67 -4.36 0.47
N PRO B 151 7.17 -5.14 1.43
CA PRO B 151 8.56 -5.39 1.83
C PRO B 151 9.35 -6.11 0.73
N ALA B 152 10.65 -5.83 0.63
CA ALA B 152 11.52 -6.55 -0.29
C ALA B 152 12.86 -6.76 0.39
N MET B 153 13.55 -7.82 0.01
CA MET B 153 14.85 -8.14 0.58
C MET B 153 15.79 -8.60 -0.52
N PHE B 154 16.98 -8.00 -0.56
CA PHE B 154 17.97 -8.31 -1.58
C PHE B 154 19.26 -8.76 -0.93
N VAL B 155 19.91 -9.74 -1.55
CA VAL B 155 21.13 -10.34 -1.02
C VAL B 155 22.26 -10.15 -2.02
N ASN B 156 23.35 -9.51 -1.57
CA ASN B 156 24.57 -9.32 -2.37
C ASN B 156 24.32 -8.58 -3.68
N GLY B 157 23.30 -7.73 -3.72
CA GLY B 157 22.96 -7.01 -4.93
C GLY B 157 22.62 -7.87 -6.12
N LYS B 158 22.33 -9.16 -5.91
CA LYS B 158 22.10 -10.07 -7.03
C LYS B 158 20.80 -10.85 -6.90
N TYR B 159 20.37 -11.12 -5.66
CA TYR B 159 19.26 -12.03 -5.40
C TYR B 159 18.12 -11.32 -4.69
N GLN B 160 16.91 -11.47 -5.20
CA GLN B 160 15.69 -10.90 -4.63
C GLN B 160 14.85 -12.03 -4.04
N LEU B 161 14.57 -11.95 -2.75
CA LEU B 161 13.71 -12.94 -2.11
C LEU B 161 12.34 -12.95 -2.76
N ASN B 162 11.74 -14.13 -2.87
CA ASN B 162 10.40 -14.30 -3.46
C ASN B 162 9.50 -15.01 -2.46
N PRO B 163 8.84 -14.26 -1.57
CA PRO B 163 8.01 -14.91 -0.54
C PRO B 163 6.83 -15.66 -1.11
N GLN B 164 6.32 -15.28 -2.29
CA GLN B 164 5.18 -15.97 -2.87
C GLN B 164 5.53 -17.40 -3.29
N GLY B 165 6.80 -17.77 -3.25
CA GLY B 165 7.24 -19.13 -3.52
C GLY B 165 7.66 -19.92 -2.30
N MET B 166 7.41 -19.41 -1.09
CA MET B 166 7.70 -20.16 0.12
C MET B 166 6.40 -20.71 0.70
N ASP B 167 6.52 -21.77 1.51
CA ASP B 167 5.37 -22.40 2.14
C ASP B 167 4.72 -21.46 3.15
N THR B 168 3.54 -20.94 2.80
CA THR B 168 2.78 -19.99 3.61
C THR B 168 1.62 -20.68 4.35
N SER B 169 1.74 -21.98 4.62
CA SER B 169 0.69 -22.65 5.37
C SER B 169 0.54 -22.07 6.77
N ASN B 170 1.66 -21.86 7.46
CA ASN B 170 1.65 -21.25 8.78
C ASN B 170 2.78 -20.23 8.85
N MET B 171 2.57 -19.18 9.65
CA MET B 171 3.53 -18.09 9.68
C MET B 171 4.87 -18.51 10.29
N ASP B 172 4.87 -19.47 11.21
CA ASP B 172 6.14 -19.85 11.83
C ASP B 172 7.07 -20.56 10.86
N VAL B 173 6.55 -21.43 9.98
CA VAL B 173 7.41 -22.08 8.99
C VAL B 173 7.88 -21.05 7.96
N PHE B 174 6.99 -20.15 7.56
CA PHE B 174 7.35 -19.13 6.59
C PHE B 174 8.49 -18.27 7.10
N VAL B 175 8.43 -17.87 8.38
CA VAL B 175 9.49 -17.02 8.92
C VAL B 175 10.83 -17.73 8.84
N GLN B 176 10.87 -19.01 9.18
CA GLN B 176 12.14 -19.70 9.16
C GLN B 176 12.58 -20.03 7.74
N GLN B 177 11.63 -20.23 6.82
CA GLN B 177 12.00 -20.39 5.42
C GLN B 177 12.58 -19.11 4.85
N TYR B 178 12.01 -17.96 5.24
CA TYR B 178 12.52 -16.67 4.81
C TYR B 178 13.95 -16.46 5.31
N ALA B 179 14.19 -16.70 6.60
CA ALA B 179 15.51 -16.45 7.16
C ALA B 179 16.53 -17.47 6.65
N ASP B 180 16.12 -18.72 6.45
CA ASP B 180 17.07 -19.70 5.94
C ASP B 180 17.40 -19.47 4.47
N THR B 181 16.45 -18.96 3.68
CA THR B 181 16.76 -18.60 2.29
C THR B 181 17.76 -17.45 2.24
N VAL B 182 17.65 -16.50 3.16
CA VAL B 182 18.61 -15.40 3.21
C VAL B 182 20.01 -15.94 3.52
N LYS B 183 20.11 -16.86 4.49
CA LYS B 183 21.40 -17.45 4.85
C LYS B 183 22.00 -18.22 3.68
N TYR B 184 21.18 -18.99 2.97
CA TYR B 184 21.70 -19.74 1.82
C TYR B 184 22.25 -18.81 0.76
N LEU B 185 21.48 -17.77 0.40
CA LEU B 185 21.93 -16.84 -0.62
C LEU B 185 23.14 -16.04 -0.16
N SER B 186 23.24 -15.80 1.15
CA SER B 186 24.37 -15.03 1.66
C SER B 186 25.68 -15.81 1.53
N GLU B 187 25.61 -17.13 1.50
CA GLU B 187 26.78 -17.97 1.29
C GLU B 187 27.10 -18.18 -0.19
N LYS B 188 26.30 -17.64 -1.10
CA LYS B 188 26.50 -17.83 -2.53
C LYS B 188 27.45 -16.78 -3.11
C01 O7P C . -1.45 12.06 2.46
C01 O7P C . -1.64 11.86 2.47
C02 O7P C . -1.51 11.07 1.32
C02 O7P C . -1.61 10.89 1.32
C03 O7P C . -1.49 9.69 1.56
C03 O7P C . -1.56 9.51 1.53
C04 O7P C . -1.42 9.20 2.92
C04 O7P C . -1.57 8.98 2.87
C06 O7P C . -1.53 8.79 0.50
C06 O7P C . -1.50 8.62 0.44
C07 O7P C . -1.59 9.24 -0.80
C07 O7P C . -1.50 9.10 -0.85
C08 O7P C . -1.63 10.60 -1.05
C08 O7P C . -1.57 10.46 -1.06
C10 O7P C . -2.07 10.37 -3.41
C10 O7P C . -2.09 10.23 -3.41
C11 O7P C . -3.31 9.77 -3.43
C11 O7P C . -3.38 9.72 -3.36
C12 O7P C . -3.74 9.09 -4.56
C12 O7P C . -3.87 8.98 -4.42
C13 O7P C . -2.92 8.99 -5.68
C13 O7P C . -3.10 8.75 -5.55
C14 O7P C . -3.37 8.22 -6.90
C14 O7P C . -3.63 7.93 -6.70
C15 O7P C . -2.42 7.07 -7.18
C15 O7P C . -2.66 6.86 -7.16
C17 O7P C . -3.28 7.16 -9.48
C17 O7P C . -1.93 5.47 -9.07
C18 O7P C . -2.85 6.85 -10.88
C18 O7P C . -1.79 5.64 -10.56
C20 O7P C . -1.51 5.50 -12.40
C20 O7P C . -2.61 6.59 -12.64
C21 O7P C . -0.96 5.49 -10.00
C21 O7P C . -3.52 7.42 -10.51
C22 O7P C . -1.78 5.29 -8.76
C22 O7P C . -4.00 6.79 -9.23
C25 O7P C . -1.67 9.57 -5.63
C25 O7P C . -1.81 9.27 -5.59
C26 O7P C . -1.23 10.26 -4.51
C26 O7P C . -1.30 10.01 -4.52
C27 O7P C . -1.58 11.51 0.00
C27 O7P C . -1.61 11.35 0.00
N05 O7P C . -1.37 8.86 4.00
N05 O7P C . -1.58 8.60 3.94
N16 O7P C . -2.48 6.53 -8.42
N16 O7P C . -2.86 6.39 -8.42
N19 O7P C . -1.82 6.00 -11.07
N19 O7P C . -2.60 6.51 -11.18
O09 O7P C . -1.67 11.13 -2.33
O09 O7P C . -1.59 10.99 -2.36
O23 O7P C . -3.45 7.37 -11.81
O23 O7P C . -0.95 4.97 -11.15
O24 O7P C . -1.65 6.66 -6.34
O24 O7P C . -1.76 6.45 -6.44
C1 PGE D . 23.81 25.49 6.97
O1 PGE D . 24.34 26.60 6.25
C2 PGE D . 24.33 24.21 6.34
O2 PGE D . 23.39 23.16 6.41
C3 PGE D . 22.03 23.56 6.38
C4 PGE D . 21.44 23.34 5.00
O4 PGE D . 20.83 23.84 1.81
C6 PGE D . 21.91 22.92 1.73
C5 PGE D . 22.02 22.16 3.04
O3 PGE D . 22.45 23.04 4.06
#